data_1MNU
#
_entry.id   1MNU
#
_cell.length_a   114.617
_cell.length_b   85.862
_cell.length_c   87.133
_cell.angle_alpha   90.00
_cell.angle_beta   122.69
_cell.angle_gamma   90.00
#
_symmetry.space_group_name_H-M   'C 1 2 1'
#
loop_
_entity.id
_entity.type
_entity.pdbx_description
1 polymer 'PROTEIN (IGG2A-KAPPA ANTIBODY MN12H2 (LIGHT CHAIN))'
2 polymer 'PROTEIN (IGG2A-KAPPA ANTIBODY MN12H2 (HEAVY CHAIN))'
3 non-polymer 'CADMIUM ION'
4 water water
#
loop_
_entity_poly.entity_id
_entity_poly.type
_entity_poly.pdbx_seq_one_letter_code
_entity_poly.pdbx_strand_id
1 'polypeptide(L)'
;DIVMTQTPLSLPVSLGDKASISCRSSQALVHSNGNTYLHWYLQKPGQSPKLLIYKVSNRFSGVPDRFSGSGSGTDFTLKI
SRVEAEDLGVFFCSQSTHVPRTFGGGTKLEIKRADAAPTVSIFPPSSEQLTSGGASVVCFLNNFYPKDINVKWKIDGSER
QNGVLNSWTDQDSKDSTYSMSSTLTLTKDEYERHNSYTCEATHKTSTSPIVKSFNRNEC
;
L
2 'polypeptide(L)'
;EVNLQQSGTVLARPGASVRMSCKASGYSFTSYWLHWIKQRPGQGLEWIGGIYPGNRDTRYTQRFKDKAKLTAVTSANTAY
MELSSLTNEDSAVYYCSIIYFDYADFIMDYWGQGTTVTVSSAKTTAPSVYPLAPVCGDTTGSSVTLGCLVKGYFPEPVTL
TWNSGSLSSGVHTFPAVLQSDLYTLSSSVTVTSSTWPSQSITCNVAHPASSTKVDKKIEPRGPTI
;
H
#
loop_
_chem_comp.id
_chem_comp.type
_chem_comp.name
_chem_comp.formula
CD non-polymer 'CADMIUM ION' 'Cd 2'
#
# COMPACT_ATOMS: atom_id res chain seq x y z
N ASP A 1 -0.02 -17.89 22.02
CA ASP A 1 -1.09 -17.64 21.00
C ASP A 1 -1.02 -18.70 19.90
N ILE A 2 -2.18 -19.01 19.34
CA ILE A 2 -2.28 -19.99 18.27
C ILE A 2 -1.75 -19.38 16.98
N VAL A 3 -0.81 -20.07 16.35
CA VAL A 3 -0.17 -19.60 15.12
C VAL A 3 -0.76 -20.19 13.85
N MET A 4 -1.06 -19.33 12.89
CA MET A 4 -1.62 -19.76 11.62
C MET A 4 -0.58 -19.63 10.52
N THR A 5 -0.33 -20.72 9.80
CA THR A 5 0.67 -20.70 8.76
C THR A 5 0.04 -20.83 7.37
N GLN A 6 0.17 -19.78 6.57
CA GLN A 6 -0.40 -19.80 5.22
C GLN A 6 0.67 -20.09 4.17
N THR A 7 0.24 -20.75 3.11
CA THR A 7 1.12 -21.09 2.01
C THR A 7 0.26 -21.13 0.74
N PRO A 8 0.82 -20.72 -0.40
CA PRO A 8 2.19 -20.21 -0.54
C PRO A 8 2.23 -18.77 -0.07
N LEU A 9 3.36 -18.10 -0.26
CA LEU A 9 3.49 -16.71 0.13
C LEU A 9 2.89 -15.87 -0.99
N SER A 10 3.24 -16.23 -2.22
CA SER A 10 2.75 -15.55 -3.40
C SER A 10 2.06 -16.57 -4.28
N LEU A 11 1.03 -16.17 -4.99
CA LEU A 11 0.31 -17.12 -5.84
C LEU A 11 -0.10 -16.58 -7.20
N PRO A 12 0.71 -16.86 -8.22
CA PRO A 12 0.47 -16.43 -9.61
C PRO A 12 -0.61 -17.34 -10.21
N VAL A 13 -1.67 -16.74 -10.74
CA VAL A 13 -2.77 -17.52 -11.31
C VAL A 13 -3.27 -16.85 -12.58
N SER A 14 -3.39 -17.62 -13.65
CA SER A 14 -3.91 -17.04 -14.89
C SER A 14 -5.36 -16.68 -14.66
N LEU A 15 -5.85 -15.72 -15.42
CA LEU A 15 -7.23 -15.29 -15.30
C LEU A 15 -8.11 -16.47 -15.69
N GLY A 16 -9.24 -16.64 -15.00
CA GLY A 16 -10.13 -17.74 -15.32
C GLY A 16 -9.76 -19.10 -14.72
N ASP A 17 -8.55 -19.21 -14.16
CA ASP A 17 -8.11 -20.46 -13.53
C ASP A 17 -8.45 -20.52 -12.05
N LYS A 18 -8.07 -21.63 -11.42
CA LYS A 18 -8.34 -21.84 -10.01
C LYS A 18 -7.10 -21.58 -9.15
N ALA A 19 -7.35 -21.14 -7.92
CA ALA A 19 -6.29 -20.83 -6.96
C ALA A 19 -6.58 -21.49 -5.61
N SER A 20 -5.55 -22.09 -5.00
CA SER A 20 -5.72 -22.71 -3.69
C SER A 20 -4.75 -22.14 -2.69
N ILE A 21 -5.29 -21.72 -1.55
CA ILE A 21 -4.47 -21.13 -0.48
C ILE A 21 -4.61 -22.04 0.71
N SER A 22 -3.48 -22.48 1.25
CA SER A 22 -3.50 -23.36 2.40
C SER A 22 -3.26 -22.63 3.71
N CYS A 23 -3.84 -23.16 4.79
CA CYS A 23 -3.65 -22.55 6.09
C CYS A 23 -3.73 -23.63 7.17
N ARG A 24 -2.68 -23.69 7.99
CA ARG A 24 -2.57 -24.67 9.08
C ARG A 24 -2.51 -23.90 10.41
N SER A 25 -2.99 -24.52 11.47
CA SER A 25 -2.94 -23.88 12.78
C SER A 25 -2.09 -24.71 13.73
N SER A 26 -1.45 -24.05 14.69
CA SER A 26 -0.60 -24.73 15.66
C SER A 26 -1.40 -25.61 16.61
N GLN A 27 -2.70 -25.42 16.65
CA GLN A 27 -3.55 -26.25 17.51
C GLN A 27 -4.96 -26.38 16.97
N ALA A 28 -5.64 -27.44 17.38
CA ALA A 28 -6.99 -27.73 16.92
C ALA A 28 -7.93 -26.55 17.03
N LEU A 29 -8.73 -26.32 15.99
CA LEU A 29 -9.64 -25.19 15.99
C LEU A 29 -11.10 -25.50 16.31
N VAL A 30 -11.42 -26.75 16.63
CA VAL A 30 -12.79 -27.12 16.97
C VAL A 30 -13.08 -26.66 18.38
N HIS A 31 -13.98 -25.68 18.51
CA HIS A 31 -14.36 -25.14 19.81
C HIS A 31 -15.13 -26.18 20.62
N SER A 32 -15.15 -26.00 21.94
CA SER A 32 -15.89 -26.94 22.77
C SER A 32 -17.36 -26.93 22.33
N ASN A 33 -17.87 -25.76 21.93
CA ASN A 33 -19.26 -25.70 21.52
C ASN A 33 -19.49 -26.43 20.20
N GLY A 34 -18.44 -26.98 19.61
CA GLY A 34 -18.60 -27.73 18.38
C GLY A 34 -18.34 -27.01 17.08
N ASN A 35 -18.17 -25.71 17.13
CA ASN A 35 -17.90 -24.98 15.89
C ASN A 35 -16.41 -24.91 15.63
N THR A 36 -16.06 -24.61 14.39
CA THR A 36 -14.69 -24.46 13.99
C THR A 36 -14.64 -23.06 13.39
N TYR A 37 -14.08 -22.13 14.16
CA TYR A 37 -13.98 -20.73 13.77
C TYR A 37 -12.74 -20.39 12.92
N LEU A 38 -12.75 -20.80 11.66
CA LEU A 38 -11.66 -20.51 10.75
C LEU A 38 -12.27 -19.73 9.59
N HIS A 39 -11.77 -18.51 9.37
CA HIS A 39 -12.35 -17.68 8.33
C HIS A 39 -11.33 -17.22 7.31
N TRP A 40 -11.82 -16.66 6.21
CA TRP A 40 -10.97 -16.15 5.15
C TRP A 40 -11.30 -14.71 4.79
N TYR A 41 -10.29 -13.85 4.82
CA TYR A 41 -10.43 -12.45 4.48
C TYR A 41 -9.63 -12.12 3.23
N LEU A 42 -10.04 -11.05 2.56
CA LEU A 42 -9.35 -10.56 1.38
C LEU A 42 -9.20 -9.05 1.57
N GLN A 43 -7.96 -8.59 1.51
CA GLN A 43 -7.65 -7.17 1.66
C GLN A 43 -7.13 -6.65 0.33
N LYS A 44 -7.94 -5.80 -0.30
CA LYS A 44 -7.56 -5.18 -1.56
C LYS A 44 -6.67 -3.99 -1.23
N PRO A 45 -5.78 -3.61 -2.16
CA PRO A 45 -4.86 -2.49 -1.97
C PRO A 45 -5.52 -1.23 -1.39
N GLY A 46 -4.99 -0.77 -0.26
CA GLY A 46 -5.51 0.44 0.37
C GLY A 46 -6.80 0.28 1.15
N GLN A 47 -7.48 -0.86 1.00
CA GLN A 47 -8.74 -1.08 1.71
C GLN A 47 -8.59 -1.92 2.98
N SER A 48 -9.66 -2.02 3.76
CA SER A 48 -9.65 -2.81 4.98
C SER A 48 -9.92 -4.28 4.62
N PRO A 49 -9.48 -5.21 5.47
CA PRO A 49 -9.72 -6.63 5.17
C PRO A 49 -11.23 -6.84 5.06
N LYS A 50 -11.66 -7.62 4.06
CA LYS A 50 -13.07 -7.88 3.85
C LYS A 50 -13.34 -9.39 3.88
N LEU A 51 -14.27 -9.81 4.74
CA LEU A 51 -14.61 -11.23 4.92
C LEU A 51 -15.11 -11.91 3.65
N LEU A 52 -14.55 -13.09 3.38
CA LEU A 52 -14.94 -13.88 2.20
C LEU A 52 -15.64 -15.15 2.68
N ILE A 53 -15.06 -15.78 3.69
CA ILE A 53 -15.60 -17.03 4.22
C ILE A 53 -15.41 -17.22 5.72
N TYR A 54 -16.50 -17.54 6.42
CA TYR A 54 -16.43 -17.78 7.87
C TYR A 54 -16.78 -19.22 8.23
N LYS A 55 -16.25 -19.69 9.35
CA LYS A 55 -16.47 -21.06 9.83
C LYS A 55 -16.28 -22.11 8.74
N VAL A 56 -15.01 -22.20 8.34
CA VAL A 56 -14.48 -23.10 7.32
C VAL A 56 -15.14 -23.17 5.95
N SER A 57 -16.43 -22.90 5.81
CA SER A 57 -17.04 -23.01 4.47
C SER A 57 -18.27 -22.18 4.13
N ASN A 58 -18.67 -21.28 5.04
CA ASN A 58 -19.84 -20.45 4.79
C ASN A 58 -19.45 -19.11 4.16
N ARG A 59 -20.15 -18.72 3.10
CA ARG A 59 -19.88 -17.46 2.45
C ARG A 59 -20.62 -16.31 3.08
N PHE A 60 -19.92 -15.20 3.24
CA PHE A 60 -20.48 -13.99 3.81
C PHE A 60 -21.38 -13.38 2.75
N SER A 61 -22.40 -12.64 3.17
CA SER A 61 -23.32 -11.99 2.23
C SER A 61 -22.58 -11.22 1.14
N GLY A 62 -23.04 -11.37 -0.09
CA GLY A 62 -22.40 -10.69 -1.21
C GLY A 62 -21.24 -11.44 -1.85
N VAL A 63 -20.70 -12.44 -1.14
CA VAL A 63 -19.57 -13.20 -1.68
C VAL A 63 -20.01 -14.26 -2.72
N PRO A 64 -19.56 -14.13 -3.97
CA PRO A 64 -19.89 -15.03 -5.08
C PRO A 64 -19.51 -16.49 -4.81
N ASP A 65 -20.18 -17.43 -5.49
CA ASP A 65 -19.94 -18.86 -5.28
C ASP A 65 -18.61 -19.46 -5.73
N ARG A 66 -17.84 -18.73 -6.53
CA ARG A 66 -16.55 -19.24 -6.99
C ARG A 66 -15.53 -19.30 -5.84
N PHE A 67 -15.93 -18.76 -4.68
CA PHE A 67 -15.13 -18.76 -3.46
C PHE A 67 -15.71 -19.85 -2.54
N SER A 68 -14.85 -20.75 -2.06
CA SER A 68 -15.31 -21.82 -1.17
C SER A 68 -14.20 -22.26 -0.24
N GLY A 69 -14.57 -22.72 0.95
CA GLY A 69 -13.55 -23.18 1.88
C GLY A 69 -13.82 -24.59 2.36
N SER A 70 -12.77 -25.27 2.84
CA SER A 70 -12.91 -26.63 3.35
C SER A 70 -11.81 -26.86 4.37
N GLY A 71 -11.74 -28.07 4.89
CA GLY A 71 -10.71 -28.36 5.88
C GLY A 71 -11.31 -28.77 7.20
N SER A 72 -10.46 -29.18 8.13
CA SER A 72 -10.92 -29.63 9.43
C SER A 72 -9.77 -29.66 10.44
N GLY A 73 -10.11 -29.65 11.73
CA GLY A 73 -9.08 -29.71 12.76
C GLY A 73 -8.01 -28.63 12.71
N THR A 74 -6.94 -28.88 11.95
CA THR A 74 -5.82 -27.94 11.81
C THR A 74 -5.43 -27.67 10.36
N ASP A 75 -6.09 -28.35 9.44
CA ASP A 75 -5.77 -28.17 8.02
C ASP A 75 -6.95 -27.55 7.31
N PHE A 76 -6.72 -26.45 6.62
CA PHE A 76 -7.81 -25.76 5.92
C PHE A 76 -7.39 -25.30 4.53
N THR A 77 -8.37 -25.00 3.68
CA THR A 77 -8.09 -24.59 2.32
C THR A 77 -9.13 -23.66 1.74
N LEU A 78 -8.67 -22.56 1.15
CA LEU A 78 -9.54 -21.59 0.50
C LEU A 78 -9.38 -21.87 -0.99
N LYS A 79 -10.48 -21.89 -1.73
CA LYS A 79 -10.39 -22.14 -3.16
C LYS A 79 -11.07 -20.98 -3.91
N ILE A 80 -10.53 -20.63 -5.07
CA ILE A 80 -11.05 -19.57 -5.91
C ILE A 80 -11.02 -20.15 -7.32
N SER A 81 -12.12 -20.80 -7.72
CA SER A 81 -12.25 -21.49 -9.00
C SER A 81 -12.16 -20.71 -10.33
N ARG A 82 -12.59 -19.45 -10.35
CA ARG A 82 -12.52 -18.67 -11.59
C ARG A 82 -11.94 -17.29 -11.31
N VAL A 83 -10.64 -17.28 -11.02
CA VAL A 83 -9.90 -16.06 -10.70
C VAL A 83 -10.18 -14.92 -11.66
N GLU A 84 -10.32 -13.73 -11.09
CA GLU A 84 -10.60 -12.51 -11.84
C GLU A 84 -9.63 -11.44 -11.35
N ALA A 85 -9.50 -10.36 -12.11
CA ALA A 85 -8.60 -9.28 -11.72
C ALA A 85 -9.00 -8.70 -10.36
N GLU A 86 -10.31 -8.58 -10.12
CA GLU A 86 -10.78 -8.01 -8.87
C GLU A 86 -10.30 -8.79 -7.63
N ASP A 87 -9.87 -10.04 -7.82
CA ASP A 87 -9.40 -10.84 -6.70
C ASP A 87 -7.98 -10.42 -6.30
N LEU A 88 -7.48 -9.37 -6.93
CA LEU A 88 -6.14 -8.88 -6.67
C LEU A 88 -6.03 -8.33 -5.24
N GLY A 89 -5.05 -8.83 -4.50
CA GLY A 89 -4.85 -8.41 -3.13
C GLY A 89 -4.25 -9.51 -2.28
N VAL A 90 -4.41 -9.40 -0.96
CA VAL A 90 -3.85 -10.41 -0.05
C VAL A 90 -4.91 -11.10 0.78
N PHE A 91 -4.86 -12.43 0.77
CA PHE A 91 -5.81 -13.25 1.51
C PHE A 91 -5.25 -13.64 2.87
N PHE A 92 -6.08 -13.55 3.90
CA PHE A 92 -5.66 -13.90 5.24
C PHE A 92 -6.63 -14.92 5.83
N CYS A 93 -6.12 -16.02 6.39
CA CYS A 93 -7.00 -16.97 7.04
C CYS A 93 -7.02 -16.50 8.49
N SER A 94 -8.13 -16.70 9.19
CA SER A 94 -8.21 -16.27 10.57
C SER A 94 -8.80 -17.32 11.47
N GLN A 95 -8.42 -17.26 12.74
CA GLN A 95 -8.89 -18.17 13.75
C GLN A 95 -9.39 -17.43 14.98
N SER A 96 -10.58 -17.78 15.46
CA SER A 96 -11.14 -17.16 16.65
C SER A 96 -11.82 -18.15 17.59
N THR A 97 -11.45 -19.42 17.53
CA THR A 97 -12.04 -20.36 18.46
C THR A 97 -11.23 -20.23 19.76
N HIS A 98 -10.03 -19.67 19.66
CA HIS A 98 -9.16 -19.46 20.81
C HIS A 98 -8.88 -17.96 20.94
N VAL A 99 -8.62 -17.52 22.17
CA VAL A 99 -8.35 -16.12 22.44
C VAL A 99 -6.88 -15.93 22.78
N PRO A 100 -6.24 -14.93 22.19
CA PRO A 100 -6.79 -13.97 21.23
C PRO A 100 -6.92 -14.57 19.83
N ARG A 101 -7.79 -13.99 19.02
CA ARG A 101 -7.97 -14.45 17.65
C ARG A 101 -6.72 -14.08 16.87
N THR A 102 -6.29 -14.96 15.96
CA THR A 102 -5.06 -14.70 15.20
C THR A 102 -5.21 -14.87 13.68
N PHE A 103 -4.31 -14.23 12.93
CA PHE A 103 -4.34 -14.27 11.46
C PHE A 103 -3.10 -14.87 10.83
N GLY A 104 -3.26 -15.47 9.65
CA GLY A 104 -2.13 -16.06 8.97
C GLY A 104 -1.28 -14.95 8.38
N GLY A 105 -0.09 -15.29 7.91
CA GLY A 105 0.81 -14.30 7.35
C GLY A 105 0.30 -13.66 6.07
N GLY A 106 -0.62 -14.32 5.39
CA GLY A 106 -1.15 -13.75 4.18
C GLY A 106 -0.62 -14.36 2.90
N THR A 107 -1.43 -14.29 1.84
CA THR A 107 -1.07 -14.81 0.54
C THR A 107 -1.38 -13.74 -0.51
N LYS A 108 -0.34 -13.31 -1.22
CA LYS A 108 -0.51 -12.29 -2.25
C LYS A 108 -0.88 -13.01 -3.54
N LEU A 109 -2.03 -12.66 -4.10
CA LEU A 109 -2.48 -13.31 -5.32
C LEU A 109 -2.14 -12.45 -6.51
N GLU A 110 -1.27 -12.97 -7.38
CA GLU A 110 -0.82 -12.28 -8.58
C GLU A 110 -1.47 -12.84 -9.84
N ILE A 111 -1.84 -11.95 -10.77
CA ILE A 111 -2.46 -12.33 -12.03
C ILE A 111 -1.37 -12.62 -13.07
N LYS A 112 -1.37 -13.82 -13.65
CA LYS A 112 -0.39 -14.16 -14.68
C LYS A 112 -0.77 -13.55 -16.03
N ARG A 113 0.23 -13.05 -16.74
CA ARG A 113 0.00 -12.47 -18.06
C ARG A 113 1.28 -12.77 -18.86
N ALA A 114 1.22 -12.61 -20.18
CA ALA A 114 2.40 -12.85 -20.99
C ALA A 114 3.52 -11.91 -20.54
N ASP A 115 4.76 -12.39 -20.55
CA ASP A 115 5.88 -11.56 -20.13
C ASP A 115 5.94 -10.32 -20.98
N ALA A 116 6.20 -9.18 -20.32
CA ALA A 116 6.30 -7.90 -21.01
C ALA A 116 7.51 -7.11 -20.50
N ALA A 117 8.32 -6.63 -21.44
CA ALA A 117 9.52 -5.87 -21.13
C ALA A 117 9.15 -4.44 -20.77
N PRO A 118 9.80 -3.87 -19.76
CA PRO A 118 9.50 -2.50 -19.35
C PRO A 118 9.83 -1.44 -20.41
N THR A 119 9.13 -0.30 -20.31
CA THR A 119 9.41 0.83 -21.17
C THR A 119 10.19 1.71 -20.22
N VAL A 120 11.38 2.14 -20.64
CA VAL A 120 12.19 2.96 -19.76
C VAL A 120 12.28 4.41 -20.21
N SER A 121 12.25 5.31 -19.23
CA SER A 121 12.33 6.74 -19.48
C SER A 121 13.30 7.34 -18.45
N ILE A 122 14.18 8.22 -18.91
CA ILE A 122 15.16 8.82 -17.99
C ILE A 122 14.96 10.33 -17.96
N PHE A 123 15.12 10.92 -16.78
CA PHE A 123 14.91 12.34 -16.59
C PHE A 123 16.00 13.06 -15.79
N PRO A 124 16.68 14.03 -16.41
CA PRO A 124 17.75 14.81 -15.77
C PRO A 124 17.13 15.61 -14.62
N PRO A 125 17.97 16.17 -13.72
CA PRO A 125 17.45 16.96 -12.61
C PRO A 125 16.76 18.16 -13.23
N SER A 126 15.77 18.73 -12.53
CA SER A 126 15.08 19.89 -13.07
C SER A 126 15.82 21.14 -12.60
N SER A 127 15.67 22.24 -13.35
CA SER A 127 16.30 23.51 -12.98
C SER A 127 15.93 23.96 -11.58
N GLU A 128 14.67 23.75 -11.19
CA GLU A 128 14.28 24.15 -9.85
C GLU A 128 15.07 23.39 -8.80
N GLN A 129 15.25 22.09 -9.00
CA GLN A 129 15.99 21.32 -8.00
C GLN A 129 17.44 21.73 -7.97
N LEU A 130 18.04 21.90 -9.15
CA LEU A 130 19.44 22.30 -9.25
C LEU A 130 19.63 23.59 -8.45
N THR A 131 18.75 24.57 -8.68
CA THR A 131 18.82 25.83 -7.97
C THR A 131 18.88 25.61 -6.46
N SER A 132 18.15 24.60 -5.96
CA SER A 132 18.15 24.33 -4.52
C SER A 132 19.47 23.72 -4.08
N GLY A 133 20.31 23.35 -5.04
CA GLY A 133 21.59 22.76 -4.70
C GLY A 133 21.61 21.24 -4.75
N GLY A 134 20.49 20.65 -5.18
CA GLY A 134 20.41 19.21 -5.27
C GLY A 134 20.19 18.77 -6.70
N ALA A 135 20.20 17.46 -6.92
CA ALA A 135 20.02 16.92 -8.25
C ALA A 135 19.61 15.43 -8.20
N SER A 136 18.42 15.15 -8.74
CA SER A 136 17.90 13.79 -8.77
C SER A 136 17.71 13.36 -10.19
N VAL A 137 18.28 12.22 -10.55
CA VAL A 137 18.08 11.71 -11.90
C VAL A 137 17.01 10.65 -11.65
N VAL A 138 15.98 10.64 -12.49
CA VAL A 138 14.90 9.71 -12.31
C VAL A 138 14.75 8.79 -13.50
N CYS A 139 14.41 7.55 -13.23
CA CYS A 139 14.23 6.59 -14.29
C CYS A 139 12.95 5.79 -14.04
N PHE A 140 12.09 5.73 -15.05
CA PHE A 140 10.84 5.01 -14.91
C PHE A 140 10.84 3.74 -15.73
N LEU A 141 10.44 2.65 -15.10
CA LEU A 141 10.32 1.35 -15.79
C LEU A 141 8.84 1.01 -15.68
N ASN A 142 8.12 1.22 -16.77
CA ASN A 142 6.69 0.99 -16.79
C ASN A 142 6.15 -0.23 -17.54
N ASN A 143 5.07 -0.79 -17.01
CA ASN A 143 4.34 -1.85 -17.68
C ASN A 143 5.11 -3.11 -18.01
N PHE A 144 5.71 -3.71 -17.00
CA PHE A 144 6.46 -4.92 -17.24
C PHE A 144 5.94 -6.07 -16.39
N TYR A 145 6.10 -7.28 -16.92
CA TYR A 145 5.70 -8.48 -16.22
C TYR A 145 6.65 -9.60 -16.62
N PRO A 146 7.14 -10.37 -15.64
CA PRO A 146 6.90 -10.31 -14.19
C PRO A 146 7.56 -9.12 -13.50
N LYS A 147 7.32 -9.04 -12.20
CA LYS A 147 7.83 -7.96 -11.37
C LYS A 147 9.35 -7.96 -11.20
N ASP A 148 9.95 -9.14 -11.16
CA ASP A 148 11.40 -9.24 -11.00
C ASP A 148 12.11 -8.41 -12.06
N ILE A 149 13.06 -7.60 -11.61
CA ILE A 149 13.81 -6.74 -12.50
C ILE A 149 14.96 -6.05 -11.78
N ASN A 150 16.04 -5.82 -12.50
CA ASN A 150 17.20 -5.16 -11.91
C ASN A 150 17.55 -3.89 -12.66
N VAL A 151 17.83 -2.83 -11.90
CA VAL A 151 18.20 -1.57 -12.49
C VAL A 151 19.59 -1.16 -12.02
N LYS A 152 20.47 -0.89 -12.97
CA LYS A 152 21.84 -0.49 -12.64
C LYS A 152 22.09 0.94 -13.13
N TRP A 153 22.66 1.78 -12.26
CA TRP A 153 22.98 3.16 -12.67
C TRP A 153 24.47 3.27 -12.99
N LYS A 154 24.77 3.96 -14.09
CA LYS A 154 26.15 4.16 -14.48
C LYS A 154 26.41 5.64 -14.68
N ILE A 155 27.43 6.18 -14.04
CA ILE A 155 27.80 7.58 -14.23
C ILE A 155 29.15 7.53 -14.95
N ASP A 156 29.23 8.15 -16.11
CA ASP A 156 30.45 8.12 -16.92
C ASP A 156 30.97 6.69 -17.04
N GLY A 157 30.05 5.76 -17.27
CA GLY A 157 30.41 4.36 -17.44
C GLY A 157 30.66 3.53 -16.19
N SER A 158 30.59 4.14 -15.02
CA SER A 158 30.85 3.42 -13.78
C SER A 158 29.58 3.19 -12.95
N GLU A 159 29.36 1.94 -12.53
CA GLU A 159 28.18 1.60 -11.73
C GLU A 159 28.09 2.35 -10.41
N ARG A 160 26.95 3.00 -10.18
CA ARG A 160 26.72 3.74 -8.96
C ARG A 160 25.99 2.79 -8.03
N GLN A 161 26.52 2.59 -6.83
CA GLN A 161 25.91 1.66 -5.90
C GLN A 161 25.13 2.22 -4.72
N ASN A 162 25.22 3.53 -4.49
CA ASN A 162 24.50 4.16 -3.38
C ASN A 162 23.88 5.48 -3.80
N GLY A 163 22.87 5.92 -3.06
CA GLY A 163 22.18 7.15 -3.37
C GLY A 163 20.98 6.83 -4.24
N VAL A 164 20.68 5.54 -4.37
CA VAL A 164 19.55 5.10 -5.18
C VAL A 164 18.34 4.61 -4.39
N LEU A 165 17.18 5.21 -4.65
CA LEU A 165 15.92 4.80 -4.01
C LEU A 165 15.00 4.23 -5.09
N ASN A 166 14.36 3.10 -4.79
CA ASN A 166 13.45 2.47 -5.74
C ASN A 166 12.08 2.32 -5.11
N SER A 167 11.05 2.41 -5.95
CA SER A 167 9.69 2.27 -5.48
C SER A 167 8.92 1.57 -6.60
N TRP A 168 8.08 0.61 -6.21
CA TRP A 168 7.30 -0.18 -7.17
C TRP A 168 5.82 0.00 -6.93
N THR A 169 5.05 -0.03 -8.01
CA THR A 169 3.61 0.05 -7.86
C THR A 169 3.17 -1.39 -7.75
N ASP A 170 1.95 -1.59 -7.27
CA ASP A 170 1.40 -2.93 -7.12
C ASP A 170 0.92 -3.30 -8.53
N GLN A 171 0.50 -4.54 -8.71
CA GLN A 171 0.04 -5.00 -10.01
C GLN A 171 -1.18 -4.20 -10.48
N ASP A 172 -1.15 -3.74 -11.72
CA ASP A 172 -2.23 -2.94 -12.31
C ASP A 172 -3.42 -3.84 -12.65
N SER A 173 -4.53 -3.61 -11.97
CA SER A 173 -5.77 -4.39 -12.15
C SER A 173 -6.16 -4.65 -13.62
N LYS A 174 -6.33 -3.59 -14.39
CA LYS A 174 -6.73 -3.73 -15.79
C LYS A 174 -5.54 -4.04 -16.69
N ASP A 175 -4.39 -4.30 -16.10
CA ASP A 175 -3.22 -4.51 -16.94
C ASP A 175 -2.37 -5.71 -16.59
N SER A 176 -2.27 -5.98 -15.29
CA SER A 176 -1.49 -7.09 -14.76
C SER A 176 0.02 -6.91 -14.87
N THR A 177 0.47 -5.68 -15.12
CA THR A 177 1.91 -5.41 -15.19
C THR A 177 2.30 -4.57 -13.99
N TYR A 178 3.59 -4.31 -13.86
CA TYR A 178 4.07 -3.48 -12.77
C TYR A 178 4.85 -2.31 -13.36
N SER A 179 5.12 -1.32 -12.53
CA SER A 179 5.90 -0.17 -12.94
C SER A 179 6.75 0.16 -11.75
N MET A 180 7.84 0.88 -11.96
CA MET A 180 8.69 1.26 -10.85
C MET A 180 9.49 2.51 -11.16
N SER A 181 10.00 3.11 -10.10
CA SER A 181 10.83 4.28 -10.23
C SER A 181 12.18 4.02 -9.59
N SER A 182 13.22 4.50 -10.24
CA SER A 182 14.57 4.38 -9.73
C SER A 182 15.07 5.81 -9.69
N THR A 183 15.42 6.29 -8.50
CA THR A 183 15.90 7.66 -8.36
C THR A 183 17.31 7.71 -7.82
N LEU A 184 18.19 8.41 -8.51
CA LEU A 184 19.57 8.58 -8.08
C LEU A 184 19.67 10.04 -7.61
N THR A 185 19.86 10.24 -6.31
CA THR A 185 19.95 11.58 -5.76
C THR A 185 21.40 11.92 -5.40
N LEU A 186 21.92 12.94 -6.08
CA LEU A 186 23.28 13.40 -5.90
C LEU A 186 23.21 14.87 -5.50
N THR A 187 24.38 15.45 -5.20
CA THR A 187 24.48 16.87 -4.86
C THR A 187 24.69 17.54 -6.20
N LYS A 188 24.35 18.82 -6.31
CA LYS A 188 24.52 19.55 -7.56
C LYS A 188 26.00 19.53 -8.00
N ASP A 189 26.91 19.75 -7.05
CA ASP A 189 28.34 19.71 -7.35
C ASP A 189 28.71 18.36 -7.93
N GLU A 190 28.19 17.30 -7.33
CA GLU A 190 28.48 15.96 -7.81
C GLU A 190 27.90 15.77 -9.21
N TYR A 191 26.65 16.18 -9.41
CA TYR A 191 26.00 16.04 -10.71
C TYR A 191 26.78 16.71 -11.84
N GLU A 192 27.25 17.93 -11.57
CA GLU A 192 27.98 18.69 -12.58
C GLU A 192 29.42 18.22 -12.81
N ARG A 193 29.89 17.29 -11.98
CA ARG A 193 31.24 16.75 -12.14
C ARG A 193 31.26 15.60 -13.13
N HIS A 194 30.10 15.22 -13.66
CA HIS A 194 30.06 14.10 -14.58
C HIS A 194 29.22 14.39 -15.81
N ASN A 195 29.38 13.60 -16.86
CA ASN A 195 28.63 13.80 -18.09
C ASN A 195 27.55 12.75 -18.37
N SER A 196 27.95 11.51 -18.65
CA SER A 196 26.98 10.44 -18.94
C SER A 196 26.19 9.91 -17.75
N TYR A 197 24.89 9.79 -17.95
CA TYR A 197 23.98 9.28 -16.94
C TYR A 197 23.18 8.16 -17.59
N THR A 198 23.37 6.95 -17.07
CA THR A 198 22.71 5.80 -17.63
C THR A 198 21.88 4.99 -16.67
N CYS A 199 20.73 4.57 -17.18
CA CYS A 199 19.79 3.75 -16.44
C CYS A 199 19.72 2.43 -17.20
N GLU A 200 20.03 1.34 -16.51
CA GLU A 200 19.99 0.01 -17.14
C GLU A 200 19.05 -0.95 -16.46
N ALA A 201 18.09 -1.46 -17.23
CA ALA A 201 17.11 -2.40 -16.71
C ALA A 201 17.34 -3.78 -17.31
N THR A 202 17.44 -4.78 -16.44
CA THR A 202 17.62 -6.16 -16.89
C THR A 202 16.37 -6.92 -16.45
N HIS A 203 15.66 -7.48 -17.42
CA HIS A 203 14.41 -8.21 -17.19
C HIS A 203 14.43 -9.49 -18.03
N LYS A 204 13.81 -10.55 -17.53
CA LYS A 204 13.81 -11.82 -18.27
C LYS A 204 13.43 -11.70 -19.74
N THR A 205 12.62 -10.70 -20.08
CA THR A 205 12.22 -10.53 -21.47
C THR A 205 13.38 -10.36 -22.45
N SER A 206 14.61 -10.30 -21.95
CA SER A 206 15.75 -10.16 -22.84
C SER A 206 17.07 -10.38 -22.12
N THR A 207 18.11 -10.73 -22.88
CA THR A 207 19.43 -10.98 -22.31
C THR A 207 20.12 -9.63 -22.18
N SER A 208 19.93 -8.80 -23.21
CA SER A 208 20.51 -7.48 -23.19
C SER A 208 19.57 -6.52 -22.47
N PRO A 209 20.09 -5.82 -21.46
CA PRO A 209 19.27 -4.87 -20.70
C PRO A 209 18.74 -3.74 -21.58
N ILE A 210 17.76 -2.99 -21.08
CA ILE A 210 17.21 -1.86 -21.82
C ILE A 210 18.08 -0.69 -21.33
N VAL A 211 18.55 0.15 -22.24
CA VAL A 211 19.39 1.26 -21.79
C VAL A 211 18.91 2.63 -22.22
N LYS A 212 18.79 3.51 -21.25
CA LYS A 212 18.39 4.89 -21.48
C LYS A 212 19.51 5.77 -20.95
N SER A 213 19.88 6.77 -21.72
CA SER A 213 20.98 7.60 -21.32
C SER A 213 20.93 9.01 -21.87
N PHE A 214 21.72 9.90 -21.27
CA PHE A 214 21.81 11.27 -21.76
C PHE A 214 23.13 11.83 -21.25
N ASN A 215 23.70 12.77 -22.00
CA ASN A 215 24.94 13.41 -21.59
C ASN A 215 24.60 14.82 -21.18
N ARG A 216 25.04 15.20 -19.99
CA ARG A 216 24.78 16.53 -19.49
C ARG A 216 25.32 17.55 -20.51
N ASN A 217 26.48 17.25 -21.09
CA ASN A 217 27.09 18.13 -22.09
C ASN A 217 26.20 18.36 -23.30
N GLU A 218 25.09 17.62 -23.40
CA GLU A 218 24.23 17.75 -24.57
C GLU A 218 22.74 18.01 -24.38
N CYS A 219 22.27 18.37 -23.20
CA CYS A 219 20.87 18.68 -23.05
C CYS A 219 20.87 20.12 -22.42
N GLU B 1 -27.40 -0.04 6.87
CA GLU B 1 -25.98 -0.33 6.53
C GLU B 1 -25.02 -0.11 7.69
N VAL B 2 -24.29 -1.16 8.06
CA VAL B 2 -23.34 -1.08 9.15
C VAL B 2 -22.14 -0.22 8.77
N ASN B 3 -21.90 0.82 9.57
CA ASN B 3 -20.78 1.72 9.33
C ASN B 3 -19.89 1.94 10.55
N LEU B 4 -18.59 1.91 10.31
CA LEU B 4 -17.60 2.16 11.35
C LEU B 4 -16.64 3.19 10.78
N GLN B 5 -16.79 4.43 11.22
CA GLN B 5 -15.93 5.51 10.77
C GLN B 5 -14.86 5.82 11.80
N GLN B 6 -13.62 5.72 11.37
CA GLN B 6 -12.48 6.00 12.24
C GLN B 6 -11.96 7.43 12.04
N SER B 7 -11.36 7.97 13.08
CA SER B 7 -10.77 9.30 13.03
C SER B 7 -9.58 9.26 12.09
N GLY B 8 -9.24 10.42 11.51
CA GLY B 8 -8.16 10.48 10.55
C GLY B 8 -6.71 10.34 10.96
N THR B 9 -5.83 10.46 9.96
CA THR B 9 -4.39 10.35 10.09
C THR B 9 -3.82 11.24 11.18
N VAL B 10 -3.09 10.63 12.10
CA VAL B 10 -2.48 11.36 13.20
C VAL B 10 -0.96 11.21 13.22
N LEU B 11 -0.30 12.28 13.68
CA LEU B 11 1.14 12.33 13.81
C LEU B 11 1.47 12.37 15.30
N ALA B 12 2.43 11.56 15.72
CA ALA B 12 2.79 11.54 17.14
C ALA B 12 4.30 11.49 17.34
N ARG B 13 4.74 11.99 18.48
CA ARG B 13 6.15 12.01 18.81
C ARG B 13 6.53 10.86 19.72
N PRO B 14 7.78 10.40 19.63
CA PRO B 14 8.24 9.29 20.48
C PRO B 14 7.93 9.59 21.95
N GLY B 15 7.35 8.62 22.64
CA GLY B 15 7.04 8.81 24.05
C GLY B 15 5.69 9.45 24.33
N ALA B 16 5.06 10.04 23.32
CA ALA B 16 3.76 10.66 23.56
C ALA B 16 2.66 9.61 23.53
N SER B 17 1.42 10.08 23.46
CA SER B 17 0.30 9.17 23.37
C SER B 17 -0.66 9.76 22.36
N VAL B 18 -1.54 8.90 21.82
CA VAL B 18 -2.51 9.32 20.84
C VAL B 18 -3.80 8.61 21.16
N ARG B 19 -4.92 9.21 20.79
CA ARG B 19 -6.22 8.59 21.01
C ARG B 19 -6.98 8.63 19.69
N MET B 20 -7.60 7.51 19.35
CA MET B 20 -8.35 7.42 18.10
C MET B 20 -9.78 6.97 18.41
N SER B 21 -10.70 7.35 17.54
CA SER B 21 -12.09 6.99 17.76
C SER B 21 -12.67 6.19 16.62
N CYS B 22 -13.78 5.54 16.92
CA CYS B 22 -14.49 4.71 15.97
C CYS B 22 -15.99 4.79 16.23
N LYS B 23 -16.70 5.48 15.34
CA LYS B 23 -18.16 5.65 15.44
C LYS B 23 -18.89 4.55 14.69
N ALA B 24 -19.89 3.96 15.34
CA ALA B 24 -20.67 2.90 14.72
C ALA B 24 -22.07 3.42 14.35
N SER B 25 -22.66 2.78 13.35
CA SER B 25 -24.00 3.14 12.91
C SER B 25 -24.58 1.97 12.15
N GLY B 26 -25.90 1.79 12.28
CA GLY B 26 -26.59 0.71 11.58
C GLY B 26 -26.84 -0.54 12.40
N TYR B 27 -26.45 -0.54 13.67
CA TYR B 27 -26.66 -1.72 14.49
C TYR B 27 -26.55 -1.37 15.96
N SER B 28 -26.92 -2.30 16.83
CA SER B 28 -26.84 -2.05 18.27
C SER B 28 -25.38 -2.04 18.73
N PHE B 29 -24.84 -0.84 18.86
CA PHE B 29 -23.45 -0.63 19.29
C PHE B 29 -23.17 -1.37 20.59
N THR B 30 -24.22 -1.57 21.39
CA THR B 30 -24.10 -2.24 22.68
C THR B 30 -24.20 -3.76 22.61
N SER B 31 -24.46 -4.31 21.43
CA SER B 31 -24.60 -5.76 21.29
C SER B 31 -23.37 -6.57 20.92
N TYR B 32 -22.44 -5.99 20.18
CA TYR B 32 -21.26 -6.74 19.77
C TYR B 32 -19.96 -6.15 20.30
N TRP B 33 -18.95 -7.01 20.51
CA TRP B 33 -17.65 -6.54 20.98
C TRP B 33 -17.03 -5.69 19.89
N LEU B 34 -16.37 -4.60 20.27
CA LEU B 34 -15.74 -3.78 19.26
C LEU B 34 -14.25 -4.08 19.35
N HIS B 35 -13.70 -4.63 18.28
CA HIS B 35 -12.28 -5.02 18.24
C HIS B 35 -11.34 -4.00 17.63
N TRP B 36 -10.06 -4.08 18.01
CA TRP B 36 -9.00 -3.22 17.49
C TRP B 36 -7.86 -4.08 16.96
N ILE B 37 -7.58 -3.95 15.67
CA ILE B 37 -6.52 -4.73 15.05
C ILE B 37 -5.42 -3.84 14.50
N LYS B 38 -4.18 -4.29 14.69
CA LYS B 38 -3.00 -3.57 14.25
C LYS B 38 -2.37 -4.16 13.00
N GLN B 39 -1.96 -3.28 12.08
CA GLN B 39 -1.33 -3.75 10.85
C GLN B 39 -0.10 -2.92 10.48
N ARG B 40 1.09 -3.49 10.71
CA ARG B 40 2.34 -2.82 10.37
C ARG B 40 2.33 -2.66 8.86
N PRO B 41 2.86 -1.54 8.36
CA PRO B 41 2.87 -1.33 6.91
C PRO B 41 3.31 -2.53 6.07
N GLY B 42 4.10 -3.41 6.65
CA GLY B 42 4.52 -4.55 5.86
C GLY B 42 3.82 -5.87 6.13
N GLN B 43 3.61 -6.18 7.42
CA GLN B 43 3.03 -7.45 7.85
C GLN B 43 1.53 -7.71 7.81
N GLY B 44 1.11 -8.59 8.70
CA GLY B 44 -0.28 -8.98 8.80
C GLY B 44 -1.08 -8.27 9.87
N LEU B 45 -2.15 -8.93 10.29
CA LEU B 45 -3.08 -8.40 11.27
C LEU B 45 -2.80 -8.92 12.67
N GLU B 46 -3.02 -8.07 13.66
CA GLU B 46 -2.79 -8.44 15.05
C GLU B 46 -3.87 -7.92 15.99
N TRP B 47 -4.56 -8.83 16.68
CA TRP B 47 -5.62 -8.41 17.59
C TRP B 47 -5.05 -7.76 18.84
N ILE B 48 -5.42 -6.51 19.07
CA ILE B 48 -4.95 -5.78 20.25
C ILE B 48 -5.88 -6.11 21.41
N GLY B 49 -7.18 -5.89 21.22
CA GLY B 49 -8.14 -6.16 22.26
C GLY B 49 -9.55 -5.79 21.84
N GLY B 50 -10.47 -5.82 22.78
CA GLY B 50 -11.83 -5.48 22.47
C GLY B 50 -12.60 -4.93 23.64
N ILE B 51 -13.69 -4.25 23.35
CA ILE B 51 -14.52 -3.68 24.39
C ILE B 51 -15.97 -3.94 24.06
N TYR B 52 -16.73 -4.33 25.08
CA TYR B 52 -18.15 -4.59 24.95
C TYR B 52 -18.85 -3.34 25.46
N PRO B 53 -19.35 -2.49 24.55
CA PRO B 53 -20.03 -1.25 24.97
C PRO B 53 -21.25 -1.49 25.85
N GLY B 54 -21.81 -2.69 25.78
CA GLY B 54 -22.97 -3.02 26.60
C GLY B 54 -22.74 -2.63 28.05
N ASN B 55 -21.56 -2.97 28.58
CA ASN B 55 -21.24 -2.64 29.96
C ASN B 55 -19.80 -2.14 30.05
N ARG B 56 -19.25 -1.69 28.92
CA ARG B 56 -17.88 -1.19 28.85
C ARG B 56 -16.81 -2.13 29.38
N ASP B 57 -16.96 -3.44 29.16
CA ASP B 57 -15.96 -4.40 29.62
C ASP B 57 -14.88 -4.55 28.54
N THR B 58 -13.63 -4.70 28.97
CA THR B 58 -12.53 -4.82 28.02
C THR B 58 -11.71 -6.09 28.19
N ARG B 59 -10.96 -6.41 27.13
CA ARG B 59 -10.11 -7.59 27.12
C ARG B 59 -8.92 -7.25 26.21
N TYR B 60 -7.70 -7.55 26.68
CA TYR B 60 -6.49 -7.25 25.92
C TYR B 60 -5.54 -8.44 25.82
N THR B 61 -4.78 -8.53 24.73
CA THR B 61 -3.79 -9.60 24.59
C THR B 61 -2.64 -9.12 25.46
N GLN B 62 -1.99 -10.01 26.19
CA GLN B 62 -0.89 -9.63 27.07
C GLN B 62 0.01 -8.51 26.57
N ARG B 63 0.55 -8.69 25.36
CA ARG B 63 1.46 -7.72 24.75
C ARG B 63 1.01 -6.25 24.75
N PHE B 64 -0.29 -6.00 24.66
CA PHE B 64 -0.81 -4.63 24.64
C PHE B 64 -1.38 -4.13 25.97
N LYS B 65 -1.47 -5.00 26.96
CA LYS B 65 -2.02 -4.63 28.26
C LYS B 65 -1.63 -3.24 28.73
N ASP B 66 -0.37 -2.86 28.52
CA ASP B 66 0.08 -1.53 28.94
C ASP B 66 0.26 -0.53 27.82
N LYS B 67 0.20 -1.00 26.58
CA LYS B 67 0.34 -0.13 25.43
C LYS B 67 -0.94 0.67 25.16
N ALA B 68 -2.06 -0.04 25.08
CA ALA B 68 -3.34 0.58 24.78
C ALA B 68 -4.34 0.49 25.92
N LYS B 69 -5.35 1.35 25.84
CA LYS B 69 -6.43 1.38 26.81
C LYS B 69 -7.70 1.58 25.98
N LEU B 70 -8.66 0.66 26.09
CA LEU B 70 -9.90 0.77 25.33
C LEU B 70 -11.01 1.49 26.08
N THR B 71 -11.71 2.36 25.38
CA THR B 71 -12.79 3.17 25.93
C THR B 71 -14.00 3.32 25.00
N ALA B 72 -15.16 3.59 25.59
CA ALA B 72 -16.38 3.73 24.80
C ALA B 72 -17.36 4.70 25.44
N VAL B 73 -18.18 5.34 24.60
CA VAL B 73 -19.21 6.26 25.05
C VAL B 73 -20.51 5.83 24.37
N THR B 74 -21.27 4.94 25.01
CA THR B 74 -22.52 4.46 24.41
C THR B 74 -23.35 5.63 23.90
N SER B 75 -23.29 6.75 24.62
CA SER B 75 -24.01 7.98 24.28
C SER B 75 -23.90 8.29 22.80
N ALA B 76 -22.67 8.39 22.29
CA ALA B 76 -22.45 8.71 20.90
C ALA B 76 -22.11 7.50 20.02
N ASN B 77 -22.29 6.30 20.58
CA ASN B 77 -21.98 5.08 19.81
C ASN B 77 -20.54 5.18 19.34
N THR B 78 -19.65 5.54 20.26
CA THR B 78 -18.23 5.73 19.92
C THR B 78 -17.23 5.00 20.81
N ALA B 79 -16.24 4.39 20.15
CA ALA B 79 -15.17 3.66 20.82
C ALA B 79 -13.85 4.44 20.69
N TYR B 80 -12.99 4.30 21.69
CA TYR B 80 -11.71 5.00 21.71
C TYR B 80 -10.57 4.09 22.13
N MET B 81 -9.44 4.24 21.46
CA MET B 81 -8.26 3.48 21.85
C MET B 81 -7.18 4.50 22.08
N GLU B 82 -6.44 4.34 23.17
CA GLU B 82 -5.36 5.23 23.49
C GLU B 82 -4.07 4.43 23.58
N LEU B 83 -3.06 4.85 22.83
CA LEU B 83 -1.75 4.19 22.83
C LEU B 83 -0.73 5.12 23.49
N SER B 84 -0.05 4.63 24.53
CA SER B 84 0.92 5.44 25.26
C SER B 84 2.38 5.05 24.96
N SER B 85 3.32 5.85 25.49
CA SER B 85 4.76 5.64 25.29
C SER B 85 5.07 5.16 23.89
N LEU B 86 4.63 5.91 22.90
CA LEU B 86 4.83 5.55 21.51
C LEU B 86 6.27 5.33 21.08
N THR B 87 6.49 4.32 20.26
CA THR B 87 7.80 4.02 19.72
C THR B 87 7.59 3.89 18.22
N ASN B 88 8.67 3.72 17.49
CA ASN B 88 8.56 3.56 16.04
C ASN B 88 7.79 2.27 15.75
N GLU B 89 7.86 1.30 16.66
CA GLU B 89 7.17 0.03 16.50
C GLU B 89 5.64 0.17 16.52
N ASP B 90 5.14 1.29 17.03
CA ASP B 90 3.70 1.52 17.10
C ASP B 90 3.14 2.14 15.82
N SER B 91 4.00 2.51 14.88
CA SER B 91 3.53 3.11 13.64
C SER B 91 2.80 2.04 12.83
N ALA B 92 1.57 2.33 12.41
CA ALA B 92 0.78 1.36 11.65
C ALA B 92 -0.62 1.87 11.47
N VAL B 93 -1.44 1.14 10.70
CA VAL B 93 -2.82 1.56 10.57
C VAL B 93 -3.54 0.69 11.59
N TYR B 94 -4.47 1.30 12.33
CA TYR B 94 -5.22 0.55 13.31
C TYR B 94 -6.68 0.51 12.88
N TYR B 95 -7.27 -0.68 12.93
CA TYR B 95 -8.65 -0.87 12.55
C TYR B 95 -9.53 -1.24 13.72
N CYS B 96 -10.79 -0.79 13.68
CA CYS B 96 -11.76 -1.16 14.70
C CYS B 96 -12.74 -2.03 13.89
N SER B 97 -13.40 -2.97 14.55
CA SER B 97 -14.35 -3.81 13.83
C SER B 97 -15.29 -4.60 14.71
N ILE B 98 -16.33 -5.09 14.05
CA ILE B 98 -17.37 -5.90 14.66
C ILE B 98 -17.27 -7.26 13.97
N ILE B 99 -17.15 -8.33 14.75
CA ILE B 99 -17.04 -9.67 14.19
C ILE B 99 -17.74 -10.69 15.08
N TYR B 100 -18.82 -11.31 14.57
CA TYR B 100 -19.57 -12.33 15.30
C TYR B 100 -20.24 -13.24 14.27
N PHE B 101 -20.05 -14.55 14.38
CA PHE B 101 -20.61 -15.47 13.40
C PHE B 101 -21.65 -16.42 13.94
N ASP B 102 -22.02 -16.28 15.21
CA ASP B 102 -22.99 -17.22 15.76
C ASP B 102 -24.45 -16.79 15.85
N TYR B 103 -24.80 -15.65 15.24
CA TYR B 103 -26.20 -15.24 15.22
C TYR B 103 -26.71 -15.66 13.86
N ALA B 104 -27.50 -16.72 13.88
CA ALA B 104 -28.09 -17.31 12.69
C ALA B 104 -28.31 -16.38 11.49
N ASP B 105 -29.43 -15.68 11.50
CA ASP B 105 -29.81 -14.82 10.39
C ASP B 105 -28.89 -13.66 10.01
N PHE B 106 -28.07 -13.17 10.92
CA PHE B 106 -27.18 -12.08 10.53
C PHE B 106 -25.74 -12.15 11.02
N ILE B 107 -24.85 -12.35 10.08
CA ILE B 107 -23.42 -12.44 10.35
C ILE B 107 -22.84 -11.03 10.40
N MET B 108 -22.07 -10.74 11.45
CA MET B 108 -21.45 -9.44 11.60
C MET B 108 -19.93 -9.45 11.35
N ASP B 109 -19.50 -8.69 10.35
CA ASP B 109 -18.10 -8.59 10.03
C ASP B 109 -17.92 -7.31 9.23
N TYR B 110 -17.58 -6.23 9.94
CA TYR B 110 -17.41 -4.94 9.31
C TYR B 110 -16.21 -4.23 9.93
N TRP B 111 -15.41 -3.58 9.09
CA TRP B 111 -14.21 -2.88 9.53
C TRP B 111 -14.28 -1.38 9.20
N GLY B 112 -13.61 -0.56 10.00
CA GLY B 112 -13.57 0.87 9.71
C GLY B 112 -12.58 1.07 8.59
N GLN B 113 -12.35 2.30 8.14
CA GLN B 113 -11.39 2.53 7.06
C GLN B 113 -9.97 2.38 7.54
N GLY B 114 -9.80 2.40 8.86
CA GLY B 114 -8.48 2.30 9.44
C GLY B 114 -7.88 3.68 9.72
N THR B 115 -7.12 3.79 10.81
CA THR B 115 -6.47 5.04 11.19
C THR B 115 -4.93 4.93 11.17
N THR B 116 -4.28 5.72 10.33
CA THR B 116 -2.82 5.71 10.27
C THR B 116 -2.18 6.50 11.39
N VAL B 117 -1.24 5.84 12.06
CA VAL B 117 -0.51 6.47 13.14
C VAL B 117 0.98 6.45 12.77
N THR B 118 1.59 7.62 12.71
CA THR B 118 3.00 7.69 12.40
C THR B 118 3.75 8.31 13.58
N VAL B 119 4.66 7.52 14.15
CA VAL B 119 5.47 7.99 15.26
C VAL B 119 6.76 8.48 14.64
N SER B 120 7.16 9.70 14.94
CA SER B 120 8.37 10.26 14.37
C SER B 120 8.76 11.59 14.99
N SER B 121 10.01 12.00 14.78
CA SER B 121 10.46 13.27 15.33
C SER B 121 10.74 14.26 14.21
N ALA B 122 10.24 13.97 13.01
CA ALA B 122 10.44 14.87 11.88
C ALA B 122 9.46 16.05 11.98
N LYS B 123 9.87 17.21 11.49
CA LYS B 123 9.00 18.37 11.56
C LYS B 123 8.16 18.46 10.30
N THR B 124 6.93 18.94 10.45
CA THR B 124 6.00 19.09 9.32
C THR B 124 6.73 19.91 8.26
N THR B 125 6.68 19.46 7.02
CA THR B 125 7.40 20.16 5.96
C THR B 125 6.69 20.06 4.62
N ALA B 126 6.43 21.20 4.00
CA ALA B 126 5.76 21.22 2.69
C ALA B 126 6.74 20.60 1.71
N PRO B 127 6.22 19.89 0.70
CA PRO B 127 7.04 19.23 -0.32
C PRO B 127 7.58 20.18 -1.39
N SER B 128 8.65 19.73 -2.06
CA SER B 128 9.22 20.47 -3.17
C SER B 128 8.72 19.65 -4.35
N VAL B 129 8.10 20.32 -5.32
CA VAL B 129 7.57 19.64 -6.49
C VAL B 129 8.35 20.00 -7.74
N TYR B 130 8.96 19.01 -8.36
CA TYR B 130 9.75 19.27 -9.56
C TYR B 130 9.18 18.60 -10.78
N PRO B 131 9.02 19.36 -11.86
CA PRO B 131 8.50 18.89 -13.15
C PRO B 131 9.56 18.05 -13.86
N LEU B 132 9.15 16.92 -14.40
CA LEU B 132 10.08 16.06 -15.12
C LEU B 132 9.68 16.01 -16.59
N ALA B 133 10.38 16.80 -17.41
CA ALA B 133 10.12 16.84 -18.84
C ALA B 133 11.05 15.84 -19.51
N PRO B 134 10.69 15.39 -20.72
CA PRO B 134 11.53 14.42 -21.43
C PRO B 134 12.92 14.96 -21.73
N VAL B 135 13.90 14.07 -21.74
CA VAL B 135 15.27 14.46 -22.05
C VAL B 135 15.35 14.87 -23.51
N CYS B 136 16.19 15.86 -23.78
CA CYS B 136 16.38 16.40 -25.13
C CYS B 136 16.28 15.42 -26.31
N GLY B 137 15.41 15.74 -27.26
CA GLY B 137 15.25 14.92 -28.45
C GLY B 137 14.36 13.70 -28.27
N ASP B 138 13.93 13.45 -27.04
CA ASP B 138 13.08 12.31 -26.77
C ASP B 138 11.63 12.56 -27.19
N THR B 139 11.40 12.62 -28.51
CA THR B 139 10.05 12.87 -29.02
C THR B 139 9.72 12.09 -30.29
N THR B 140 10.27 10.90 -30.45
CA THR B 140 10.02 10.12 -31.66
C THR B 140 9.02 8.98 -31.49
N GLY B 141 8.78 8.55 -30.25
CA GLY B 141 7.84 7.46 -30.04
C GLY B 141 6.39 7.80 -30.37
N SER B 142 5.52 6.81 -30.27
CA SER B 142 4.11 7.04 -30.51
C SER B 142 3.55 7.72 -29.26
N SER B 143 4.17 7.42 -28.11
CA SER B 143 3.77 8.02 -26.84
C SER B 143 4.97 8.74 -26.23
N VAL B 144 4.73 9.43 -25.12
CA VAL B 144 5.79 10.14 -24.43
C VAL B 144 5.47 10.14 -22.94
N THR B 145 6.49 10.01 -22.11
CA THR B 145 6.29 9.96 -20.66
C THR B 145 6.80 11.21 -19.95
N LEU B 146 6.00 11.71 -19.01
CA LEU B 146 6.37 12.89 -18.23
C LEU B 146 6.35 12.47 -16.78
N GLY B 147 6.94 13.30 -15.93
CA GLY B 147 6.98 12.95 -14.52
C GLY B 147 6.84 14.10 -13.55
N CYS B 148 6.70 13.75 -12.29
CA CYS B 148 6.56 14.73 -11.25
C CYS B 148 7.24 14.15 -10.01
N LEU B 149 8.23 14.88 -9.50
CA LEU B 149 9.01 14.47 -8.34
C LEU B 149 8.64 15.29 -7.12
N VAL B 150 8.11 14.62 -6.11
CA VAL B 150 7.70 15.26 -4.85
C VAL B 150 8.73 14.83 -3.81
N LYS B 151 9.51 15.80 -3.32
CA LYS B 151 10.60 15.51 -2.41
C LYS B 151 10.68 16.35 -1.13
N GLY B 152 11.04 15.69 -0.03
CA GLY B 152 11.19 16.35 1.25
C GLY B 152 9.95 16.84 1.98
N TYR B 153 8.97 15.96 2.19
CA TYR B 153 7.75 16.38 2.89
C TYR B 153 7.41 15.46 4.06
N PHE B 154 6.71 16.01 5.05
CA PHE B 154 6.31 15.25 6.22
C PHE B 154 5.13 15.90 6.94
N PRO B 155 4.17 15.09 7.43
CA PRO B 155 4.12 13.64 7.30
C PRO B 155 3.35 13.40 6.03
N GLU B 156 2.85 12.21 5.84
CA GLU B 156 2.06 12.02 4.65
C GLU B 156 0.60 11.90 5.06
N PRO B 157 -0.30 11.75 4.11
CA PRO B 157 -0.13 11.67 2.65
C PRO B 157 0.10 12.98 1.92
N VAL B 158 0.20 12.82 0.61
CA VAL B 158 0.33 13.90 -0.34
C VAL B 158 -0.67 13.50 -1.42
N THR B 159 -1.35 14.46 -2.02
CA THR B 159 -2.28 14.11 -3.07
C THR B 159 -1.74 14.63 -4.39
N LEU B 160 -1.29 13.69 -5.22
CA LEU B 160 -0.72 13.99 -6.53
C LEU B 160 -1.80 13.77 -7.57
N THR B 161 -1.96 14.77 -8.44
CA THR B 161 -2.95 14.75 -9.50
C THR B 161 -2.36 15.26 -10.81
N TRP B 162 -2.90 14.79 -11.93
CA TRP B 162 -2.48 15.30 -13.23
C TRP B 162 -3.67 16.04 -13.84
N ASN B 163 -3.44 17.30 -14.23
CA ASN B 163 -4.49 18.15 -14.80
C ASN B 163 -5.74 18.17 -13.92
N SER B 164 -5.55 18.41 -12.63
CA SER B 164 -6.65 18.46 -11.68
C SER B 164 -7.53 17.21 -11.69
N GLY B 165 -6.98 16.08 -12.12
CA GLY B 165 -7.76 14.84 -12.13
C GLY B 165 -8.30 14.42 -13.48
N SER B 166 -8.39 15.39 -14.40
CA SER B 166 -8.88 15.12 -15.75
C SER B 166 -8.05 14.06 -16.44
N LEU B 167 -6.79 13.94 -16.02
CA LEU B 167 -5.84 12.97 -16.56
C LEU B 167 -5.59 11.92 -15.49
N SER B 168 -6.15 10.73 -15.67
CA SER B 168 -5.99 9.69 -14.67
C SER B 168 -5.42 8.45 -15.33
N SER B 169 -5.73 8.31 -16.61
CA SER B 169 -5.26 7.18 -17.37
C SER B 169 -3.77 7.30 -17.69
N GLY B 170 -3.13 6.14 -17.83
CA GLY B 170 -1.71 6.09 -18.14
C GLY B 170 -0.80 6.72 -17.11
N VAL B 171 -1.19 6.69 -15.83
CA VAL B 171 -0.36 7.29 -14.79
C VAL B 171 0.02 6.29 -13.70
N HIS B 172 1.15 6.56 -13.06
CA HIS B 172 1.66 5.73 -11.98
C HIS B 172 2.33 6.56 -10.92
N THR B 173 1.67 6.66 -9.78
CA THR B 173 2.19 7.41 -8.65
C THR B 173 2.72 6.34 -7.72
N PHE B 174 4.03 6.30 -7.56
CA PHE B 174 4.65 5.28 -6.73
C PHE B 174 4.55 5.54 -5.23
N PRO B 175 4.62 4.48 -4.42
CA PRO B 175 4.54 4.62 -2.97
C PRO B 175 5.70 5.48 -2.46
N ALA B 176 5.41 6.35 -1.49
CA ALA B 176 6.42 7.24 -0.92
C ALA B 176 7.52 6.44 -0.23
N VAL B 177 8.72 7.00 -0.23
CA VAL B 177 9.86 6.37 0.40
C VAL B 177 10.57 7.38 1.27
N LEU B 178 11.29 6.87 2.25
CA LEU B 178 12.00 7.67 3.23
C LEU B 178 13.41 8.06 2.74
N GLN B 179 13.69 9.36 2.75
CA GLN B 179 14.99 9.91 2.39
C GLN B 179 15.24 10.78 3.60
N SER B 180 16.24 10.41 4.40
CA SER B 180 16.49 11.14 5.63
C SER B 180 15.19 10.85 6.39
N ASP B 181 14.61 11.81 7.11
CA ASP B 181 13.35 11.49 7.78
C ASP B 181 12.16 12.16 7.08
N LEU B 182 12.34 12.46 5.80
CA LEU B 182 11.29 13.08 5.02
C LEU B 182 10.92 12.12 3.89
N TYR B 183 9.74 12.31 3.32
CA TYR B 183 9.28 11.44 2.26
C TYR B 183 9.51 12.01 0.89
N THR B 184 9.65 11.14 -0.08
CA THR B 184 9.82 11.54 -1.46
C THR B 184 8.96 10.58 -2.26
N LEU B 185 8.43 11.06 -3.38
CA LEU B 185 7.54 10.24 -4.18
C LEU B 185 7.55 10.69 -5.63
N SER B 186 6.95 9.89 -6.50
CA SER B 186 6.89 10.25 -7.90
C SER B 186 5.76 9.65 -8.67
N SER B 187 5.42 10.32 -9.76
CA SER B 187 4.36 9.88 -10.63
C SER B 187 4.78 10.12 -12.08
N SER B 188 4.45 9.15 -12.93
CA SER B 188 4.76 9.26 -14.34
C SER B 188 3.43 9.23 -15.10
N VAL B 189 3.40 9.93 -16.23
CA VAL B 189 2.20 9.94 -17.03
C VAL B 189 2.60 9.75 -18.47
N THR B 190 1.88 8.87 -19.16
CA THR B 190 2.15 8.57 -20.56
C THR B 190 0.96 8.97 -21.43
N VAL B 191 1.21 9.79 -22.43
CA VAL B 191 0.16 10.25 -23.32
C VAL B 191 0.61 10.15 -24.76
N THR B 192 -0.31 10.35 -25.70
CA THR B 192 0.02 10.28 -27.11
C THR B 192 1.00 11.39 -27.46
N SER B 193 2.10 10.99 -28.10
CA SER B 193 3.16 11.92 -28.49
C SER B 193 2.68 13.22 -29.14
N SER B 194 1.66 13.13 -29.98
CA SER B 194 1.14 14.35 -30.65
C SER B 194 0.45 15.29 -29.67
N THR B 195 0.07 14.78 -28.50
CA THR B 195 -0.61 15.57 -27.48
C THR B 195 0.23 16.70 -26.89
N TRP B 196 1.27 16.31 -26.18
CA TRP B 196 2.16 17.25 -25.50
C TRP B 196 3.30 17.69 -26.42
N PRO B 197 3.78 18.94 -26.27
CA PRO B 197 3.43 20.02 -25.35
C PRO B 197 2.27 20.95 -25.75
N SER B 198 1.78 20.84 -26.99
CA SER B 198 0.68 21.72 -27.43
C SER B 198 -0.42 21.80 -26.39
N GLN B 199 -0.78 20.64 -25.85
CA GLN B 199 -1.80 20.55 -24.83
C GLN B 199 -1.14 20.31 -23.49
N SER B 200 -1.28 21.30 -22.59
CA SER B 200 -0.69 21.26 -21.26
C SER B 200 -0.92 20.05 -20.38
N ILE B 201 0.13 19.70 -19.62
CA ILE B 201 0.10 18.61 -18.66
C ILE B 201 0.62 19.27 -17.39
N THR B 202 -0.19 19.25 -16.34
CA THR B 202 0.20 19.88 -15.08
C THR B 202 0.11 18.91 -13.92
N CYS B 203 1.14 18.92 -13.09
CA CYS B 203 1.16 18.07 -11.91
C CYS B 203 0.66 18.89 -10.72
N ASN B 204 -0.36 18.38 -10.02
CA ASN B 204 -0.91 19.09 -8.87
C ASN B 204 -0.62 18.31 -7.59
N VAL B 205 0.04 18.96 -6.65
CA VAL B 205 0.40 18.31 -5.41
C VAL B 205 -0.19 19.02 -4.22
N ALA B 206 -0.95 18.28 -3.42
CA ALA B 206 -1.56 18.85 -2.24
C ALA B 206 -1.00 18.12 -1.01
N HIS B 207 -0.62 18.90 -0.02
CA HIS B 207 -0.09 18.37 1.24
C HIS B 207 -0.95 18.98 2.33
N PRO B 208 -2.02 18.27 2.73
CA PRO B 208 -2.88 18.83 3.78
C PRO B 208 -2.15 19.23 5.06
N ALA B 209 -1.29 18.37 5.57
CA ALA B 209 -0.57 18.69 6.79
C ALA B 209 0.05 20.09 6.79
N SER B 210 0.54 20.55 5.64
CA SER B 210 1.15 21.87 5.57
C SER B 210 0.22 22.87 4.90
N SER B 211 -1.02 22.44 4.67
CA SER B 211 -2.01 23.30 4.04
C SER B 211 -1.44 23.91 2.76
N THR B 212 -0.76 23.09 1.94
CA THR B 212 -0.22 23.59 0.69
C THR B 212 -0.85 22.90 -0.51
N LYS B 213 -0.94 23.66 -1.60
CA LYS B 213 -1.52 23.22 -2.86
C LYS B 213 -0.64 23.81 -3.94
N VAL B 214 -0.01 22.94 -4.73
CA VAL B 214 0.88 23.40 -5.78
C VAL B 214 0.59 22.75 -7.11
N ASP B 215 0.64 23.56 -8.18
CA ASP B 215 0.45 23.09 -9.54
C ASP B 215 1.79 23.31 -10.24
N LYS B 216 2.29 22.30 -10.94
CA LYS B 216 3.56 22.45 -11.63
C LYS B 216 3.50 21.95 -13.06
N LYS B 217 3.33 22.89 -13.98
CA LYS B 217 3.23 22.61 -15.41
C LYS B 217 4.53 22.00 -15.95
N ILE B 218 4.41 20.90 -16.69
CA ILE B 218 5.58 20.25 -17.26
C ILE B 218 5.99 20.98 -18.52
N GLU B 219 7.00 21.83 -18.42
CA GLU B 219 7.49 22.59 -19.56
C GLU B 219 8.59 21.80 -20.28
N PRO B 220 8.54 21.74 -21.61
CA PRO B 220 9.53 21.02 -22.42
C PRO B 220 10.91 21.66 -22.36
N ARG B 221 11.94 20.84 -22.59
CA ARG B 221 13.34 21.28 -22.55
C ARG B 221 13.89 21.41 -21.14
N GLY B 222 14.10 20.35 -20.50
CD CD C . -7.98 -21.97 23.75
CD CD D . 0.75 1.85 -17.37
CD CD E . 31.92 11.92 -8.53
#